data_3OMO
#
_entry.id   3OMO
#
_cell.length_a   70.570
_cell.length_b   70.570
_cell.length_c   109.990
_cell.angle_alpha   90.000
_cell.angle_beta   90.000
_cell.angle_gamma   120.000
#
_symmetry.space_group_name_H-M   'P 31'
#
loop_
_entity.id
_entity.type
_entity.pdbx_description
1 polymer 'Estrogen receptor beta'
2 polymer 'Nuclear receptor coactivator 1'
3 non-polymer 2-(trifluoroacetyl)-1,2,3,4-tetrahydroisoquinolin-6-ol
4 water water
#
loop_
_entity_poly.entity_id
_entity_poly.type
_entity_poly.pdbx_seq_one_letter_code
_entity_poly.pdbx_strand_id
1 'polypeptide(L)'
;DALSPEQLVLTLLEAEPPHVLISRPSAPFTEASMMMSLTKLADKELVHMISWAKKIPGFVELSLFDQVRLLESCWMEVLM
MGLMWRSIDHPGKLIFAPDLVLDRDEGKCVEGILEIFDMLLATTSRFRELKLQHKEYLCVKAMILLNSSMYPLVTATQDA
DSSRKLAHLLNAVTDALVWVIAKSGISSQQQSMRLANLLMLLSHVRHASNKGMEHLLNMKCKNVVPVYDLLLEMLNAHVL
;
A,B
2 'polypeptide(L)' LTERHKILHRLLQEGSPSD C,D
#
# COMPACT_ATOMS: atom_id res chain seq x y z
N SER A 4 18.36 2.59 19.50
CA SER A 4 18.72 4.03 19.69
C SER A 4 19.28 4.69 18.41
N PRO A 5 18.81 5.89 18.05
CA PRO A 5 18.79 6.20 16.59
C PRO A 5 20.12 6.16 15.83
N GLU A 6 21.17 6.76 16.36
CA GLU A 6 22.48 6.73 15.67
C GLU A 6 22.99 5.29 15.43
N GLN A 7 22.87 4.43 16.46
CA GLN A 7 23.33 3.06 16.37
C GLN A 7 22.43 2.23 15.47
N LEU A 8 21.12 2.52 15.53
CA LEU A 8 20.19 1.78 14.72
C LEU A 8 20.51 2.04 13.25
N VAL A 9 20.73 3.31 12.93
CA VAL A 9 21.03 3.74 11.57
C VAL A 9 22.37 3.10 11.04
N LEU A 10 23.37 2.98 11.93
CA LEU A 10 24.66 2.41 11.62
C LEU A 10 24.43 0.94 11.30
N THR A 11 23.60 0.29 12.12
CA THR A 11 23.32 -1.12 11.91
C THR A 11 22.69 -1.37 10.53
N LEU A 12 21.78 -0.48 10.14
CA LEU A 12 21.03 -0.61 8.89
C LEU A 12 22.02 -0.40 7.77
N LEU A 13 22.88 0.60 7.94
CA LEU A 13 23.94 0.86 7.02
C LEU A 13 24.80 -0.37 6.80
N GLU A 14 25.21 -0.99 7.91
CA GLU A 14 26.11 -2.11 7.77
C GLU A 14 25.36 -3.34 7.31
N ALA A 15 24.01 -3.29 7.35
CA ALA A 15 23.22 -4.48 6.98
C ALA A 15 22.93 -4.58 5.46
N GLU A 16 23.17 -3.51 4.70
CA GLU A 16 22.86 -3.41 3.27
C GLU A 16 23.39 -4.57 2.50
N PRO A 17 22.53 -5.19 1.68
CA PRO A 17 22.92 -6.46 1.05
C PRO A 17 23.79 -6.10 -0.07
N PRO A 18 24.67 -7.00 -0.52
CA PRO A 18 25.47 -6.72 -1.75
C PRO A 18 24.61 -6.51 -3.01
N HIS A 19 25.19 -5.80 -3.97
CA HIS A 19 24.61 -5.66 -5.32
C HIS A 19 24.67 -7.06 -5.99
N VAL A 20 23.55 -7.58 -6.49
CA VAL A 20 23.65 -8.80 -7.28
C VAL A 20 23.98 -8.45 -8.71
N LEU A 21 25.04 -9.06 -9.24
CA LEU A 21 25.48 -8.80 -10.59
C LEU A 21 24.79 -9.74 -11.58
N ILE A 22 24.23 -9.14 -12.62
CA ILE A 22 23.67 -9.94 -13.69
C ILE A 22 23.89 -9.17 -14.97
N SER A 23 23.87 -9.87 -16.10
CA SER A 23 24.07 -9.21 -17.38
C SER A 23 22.89 -9.44 -18.33
N ARG A 24 22.67 -8.53 -19.28
CA ARG A 24 21.76 -8.81 -20.42
C ARG A 24 22.16 -10.09 -21.12
N PRO A 25 21.19 -10.89 -21.60
CA PRO A 25 21.60 -11.95 -22.56
C PRO A 25 22.33 -11.40 -23.78
N SER A 26 23.09 -12.27 -24.40
CA SER A 26 23.71 -11.98 -25.69
C SER A 26 22.68 -11.64 -26.76
N ALA A 27 21.70 -12.52 -26.96
CA ALA A 27 20.63 -12.35 -27.98
C ALA A 27 19.66 -11.20 -27.58
N PRO A 28 18.96 -10.59 -28.55
CA PRO A 28 17.96 -9.56 -28.20
C PRO A 28 16.91 -10.06 -27.18
N PHE A 29 16.43 -9.19 -26.28
CA PHE A 29 15.40 -9.61 -25.33
C PHE A 29 14.15 -10.18 -26.05
N THR A 30 13.58 -11.23 -25.47
CA THR A 30 12.23 -11.67 -25.77
C THR A 30 11.48 -11.54 -24.43
N GLU A 31 10.15 -11.74 -24.48
CA GLU A 31 9.32 -11.67 -23.32
C GLU A 31 9.79 -12.65 -22.29
N ALA A 32 10.11 -13.88 -22.76
CA ALA A 32 10.69 -14.94 -21.97
C ALA A 32 12.07 -14.58 -21.37
N SER A 33 12.99 -14.12 -22.21
CA SER A 33 14.37 -13.96 -21.72
C SER A 33 14.43 -12.74 -20.82
N MET A 34 13.63 -11.74 -21.09
CA MET A 34 13.53 -10.65 -20.11
C MET A 34 13.03 -11.10 -18.74
N MET A 35 11.95 -11.91 -18.72
CA MET A 35 11.42 -12.35 -17.43
C MET A 35 12.39 -13.31 -16.75
N MET A 36 13.13 -14.07 -17.55
CA MET A 36 14.16 -14.91 -16.99
C MET A 36 15.22 -14.12 -16.24
N SER A 37 15.72 -13.04 -16.86
CA SER A 37 16.68 -12.15 -16.27
C SER A 37 16.17 -11.51 -14.95
N LEU A 38 14.96 -10.98 -14.94
CA LEU A 38 14.46 -10.27 -13.78
C LEU A 38 14.10 -11.21 -12.65
N THR A 39 13.59 -12.37 -13.00
CA THR A 39 13.33 -13.37 -11.92
C THR A 39 14.59 -14.05 -11.34
N LYS A 40 15.56 -14.37 -12.19
CA LYS A 40 16.85 -14.84 -11.72
C LYS A 40 17.53 -13.79 -10.76
N LEU A 41 17.42 -12.53 -11.13
CA LEU A 41 17.90 -11.45 -10.29
C LEU A 41 17.10 -11.46 -8.99
N ALA A 42 15.76 -11.53 -9.06
CA ALA A 42 14.95 -11.33 -7.87
C ALA A 42 15.24 -12.46 -6.88
N ASP A 43 15.30 -13.67 -7.44
CA ASP A 43 15.57 -14.90 -6.63
C ASP A 43 16.86 -14.68 -5.88
N LYS A 44 17.91 -14.27 -6.58
CA LYS A 44 19.18 -14.10 -5.90
C LYS A 44 19.11 -12.97 -4.84
N GLU A 45 18.40 -11.90 -5.14
CA GLU A 45 18.28 -10.84 -4.19
C GLU A 45 17.45 -11.23 -2.97
N LEU A 46 16.41 -12.06 -3.15
CA LEU A 46 15.69 -12.66 -2.04
C LEU A 46 16.66 -13.33 -1.10
N VAL A 47 17.59 -14.15 -1.63
CA VAL A 47 18.58 -14.84 -0.74
C VAL A 47 19.25 -13.78 0.12
N HIS A 48 19.74 -12.70 -0.46
CA HIS A 48 20.37 -11.72 0.36
C HIS A 48 19.48 -10.88 1.23
N MET A 49 18.20 -10.72 0.84
CA MET A 49 17.21 -10.04 1.70
C MET A 49 17.04 -10.75 3.07
N ILE A 50 17.02 -12.10 3.07
CA ILE A 50 16.92 -12.83 4.32
C ILE A 50 18.06 -12.44 5.29
N SER A 51 19.31 -12.41 4.80
CA SER A 51 20.48 -12.06 5.66
C SER A 51 20.40 -10.64 6.14
N TRP A 52 19.90 -9.80 5.26
CA TRP A 52 19.70 -8.41 5.59
C TRP A 52 18.71 -8.29 6.72
N ALA A 53 17.56 -8.97 6.60
CA ALA A 53 16.53 -8.86 7.63
C ALA A 53 17.08 -9.35 8.98
N LYS A 54 17.99 -10.31 8.94
CA LYS A 54 18.45 -10.95 10.17
C LYS A 54 19.37 -10.03 10.91
N LYS A 55 19.82 -8.97 10.24
CA LYS A 55 20.77 -8.08 10.82
C LYS A 55 20.08 -6.86 11.44
N ILE A 56 18.81 -6.65 11.11
CA ILE A 56 17.98 -5.66 11.77
C ILE A 56 17.80 -6.09 13.26
N PRO A 57 18.25 -5.24 14.17
CA PRO A 57 18.26 -5.60 15.61
C PRO A 57 16.86 -6.00 16.06
N GLY A 58 16.76 -7.17 16.70
CA GLY A 58 15.47 -7.62 17.18
C GLY A 58 14.74 -8.53 16.20
N PHE A 59 15.04 -8.42 14.90
CA PHE A 59 14.33 -9.28 13.93
C PHE A 59 14.35 -10.75 14.29
N VAL A 60 15.52 -11.27 14.67
N VAL A 60 15.52 -11.29 14.66
CA VAL A 60 15.62 -12.70 14.98
CA VAL A 60 15.55 -12.73 14.95
C VAL A 60 15.09 -13.07 16.38
C VAL A 60 14.86 -13.06 16.29
N GLU A 61 14.71 -12.06 17.17
CA GLU A 61 14.06 -12.28 18.50
C GLU A 61 12.56 -12.44 18.29
N LEU A 62 12.07 -12.08 17.10
CA LEU A 62 10.68 -12.32 16.80
C LEU A 62 10.46 -13.81 16.61
N SER A 63 9.23 -14.29 16.76
CA SER A 63 9.02 -15.69 16.54
C SER A 63 9.25 -16.00 15.05
N LEU A 64 9.48 -17.27 14.77
CA LEU A 64 9.75 -17.75 13.45
C LEU A 64 8.61 -17.34 12.54
N PHE A 65 7.36 -17.57 12.97
CA PHE A 65 6.23 -17.22 12.12
C PHE A 65 6.21 -15.77 11.84
N ASP A 66 6.72 -14.96 12.77
CA ASP A 66 6.62 -13.52 12.54
C ASP A 66 7.64 -13.13 11.51
N GLN A 67 8.85 -13.64 11.66
CA GLN A 67 9.88 -13.37 10.66
C GLN A 67 9.42 -13.83 9.26
N VAL A 68 8.88 -15.03 9.18
CA VAL A 68 8.42 -15.56 7.97
C VAL A 68 7.35 -14.62 7.41
N ARG A 69 6.41 -14.22 8.24
CA ARG A 69 5.29 -13.55 7.62
C ARG A 69 5.56 -12.10 7.19
N LEU A 70 6.44 -11.42 7.90
CA LEU A 70 6.90 -10.10 7.46
C LEU A 70 7.62 -10.21 6.13
N LEU A 71 8.55 -11.18 6.02
CA LEU A 71 9.24 -11.42 4.76
C LEU A 71 8.30 -11.78 3.60
N GLU A 72 7.28 -12.64 3.81
CA GLU A 72 6.39 -13.02 2.69
C GLU A 72 5.58 -11.83 2.30
N SER A 73 5.34 -11.01 3.28
CA SER A 73 4.49 -9.87 3.02
C SER A 73 5.21 -8.71 2.27
N CYS A 74 6.47 -8.44 2.59
CA CYS A 74 7.15 -7.23 2.04
C CYS A 74 8.24 -7.47 0.98
N TRP A 75 8.52 -8.72 0.57
CA TRP A 75 9.71 -8.94 -0.22
C TRP A 75 9.74 -8.17 -1.53
N MET A 76 8.66 -8.20 -2.29
CA MET A 76 8.66 -7.47 -3.51
C MET A 76 8.80 -5.95 -3.27
N GLU A 77 8.07 -5.43 -2.27
CA GLU A 77 8.26 -4.02 -1.83
C GLU A 77 9.72 -3.66 -1.60
N VAL A 78 10.44 -4.54 -0.89
CA VAL A 78 11.85 -4.36 -0.59
C VAL A 78 12.68 -4.50 -1.84
N LEU A 79 12.41 -5.50 -2.68
CA LEU A 79 13.16 -5.53 -3.98
C LEU A 79 13.01 -4.20 -4.65
N MET A 80 11.78 -3.69 -4.64
CA MET A 80 11.46 -2.50 -5.42
C MET A 80 12.08 -1.26 -4.85
N MET A 81 11.99 -1.13 -3.54
CA MET A 81 12.61 -0.03 -2.83
C MET A 81 14.10 0.05 -3.12
N GLY A 82 14.78 -1.09 -3.05
CA GLY A 82 16.24 -1.15 -3.37
C GLY A 82 16.42 -0.78 -4.84
N LEU A 83 15.55 -1.27 -5.73
CA LEU A 83 15.65 -0.89 -7.18
C LEU A 83 15.52 0.62 -7.37
N MET A 84 14.55 1.21 -6.70
CA MET A 84 14.31 2.66 -6.88
C MET A 84 15.49 3.47 -6.36
N TRP A 85 16.01 3.08 -5.20
CA TRP A 85 17.17 3.73 -4.64
C TRP A 85 18.37 3.62 -5.65
N ARG A 86 18.64 2.43 -6.21
CA ARG A 86 19.71 2.36 -7.19
C ARG A 86 19.46 3.26 -8.36
N SER A 87 18.18 3.50 -8.69
CA SER A 87 17.82 4.26 -9.95
C SER A 87 17.64 5.78 -9.75
N ILE A 88 17.73 6.23 -8.51
CA ILE A 88 17.24 7.52 -8.16
C ILE A 88 17.83 8.62 -9.05
N ASP A 89 19.12 8.46 -9.38
CA ASP A 89 19.83 9.52 -10.10
C ASP A 89 19.82 9.29 -11.60
N HIS A 90 19.03 8.30 -12.06
CA HIS A 90 19.00 7.95 -13.48
C HIS A 90 17.61 7.95 -14.14
N PRO A 91 17.03 9.16 -14.35
CA PRO A 91 15.67 9.30 -14.85
C PRO A 91 15.44 8.45 -16.07
N GLY A 92 14.24 7.84 -16.22
CA GLY A 92 13.90 7.06 -17.44
C GLY A 92 14.56 5.68 -17.49
N LYS A 93 15.36 5.37 -16.48
CA LYS A 93 16.02 4.05 -16.35
C LYS A 93 15.77 3.35 -15.02
N LEU A 94 15.82 2.01 -15.09
CA LEU A 94 15.70 1.16 -13.92
C LEU A 94 17.05 0.43 -13.82
N ILE A 95 17.76 0.67 -12.73
CA ILE A 95 19.11 0.13 -12.60
C ILE A 95 18.97 -1.19 -11.87
N PHE A 96 18.62 -2.26 -12.60
CA PHE A 96 18.44 -3.59 -11.94
C PHE A 96 19.75 -4.13 -11.39
N ALA A 97 20.83 -3.94 -12.15
CA ALA A 97 22.17 -4.29 -11.76
C ALA A 97 23.11 -3.43 -12.62
N PRO A 98 24.41 -3.33 -12.21
CA PRO A 98 25.30 -2.43 -12.97
C PRO A 98 25.28 -2.77 -14.44
N ASP A 99 25.12 -4.02 -14.77
CA ASP A 99 25.13 -4.42 -16.14
C ASP A 99 23.74 -4.80 -16.63
N LEU A 100 22.70 -4.42 -15.90
CA LEU A 100 21.29 -4.65 -16.37
C LEU A 100 20.54 -3.37 -16.11
N VAL A 101 20.74 -2.41 -17.03
CA VAL A 101 20.15 -1.12 -16.89
C VAL A 101 19.04 -1.03 -17.94
N LEU A 102 17.77 -1.06 -17.53
CA LEU A 102 16.66 -1.05 -18.53
C LEU A 102 16.12 0.35 -18.71
N ASP A 103 16.01 0.75 -19.98
CA ASP A 103 15.29 1.97 -20.37
C ASP A 103 13.82 1.71 -20.20
N ARG A 104 13.07 2.75 -19.80
CA ARG A 104 11.61 2.63 -19.64
C ARG A 104 11.04 1.89 -20.85
N ASP A 105 11.42 2.24 -22.07
CA ASP A 105 10.79 1.57 -23.23
C ASP A 105 10.96 0.05 -23.32
N GLU A 106 12.00 -0.49 -22.69
CA GLU A 106 12.22 -1.93 -22.73
C GLU A 106 11.14 -2.75 -22.01
N GLY A 107 10.41 -2.09 -21.10
CA GLY A 107 9.23 -2.73 -20.51
C GLY A 107 8.19 -3.20 -21.55
N LYS A 108 8.15 -2.56 -22.72
CA LYS A 108 7.24 -2.98 -23.77
C LYS A 108 7.53 -4.42 -24.25
N CYS A 109 8.74 -4.90 -24.01
CA CYS A 109 9.08 -6.28 -24.29
C CYS A 109 8.20 -7.34 -23.59
N VAL A 110 7.62 -7.05 -22.43
CA VAL A 110 6.85 -8.04 -21.66
C VAL A 110 5.47 -7.43 -21.36
N GLU A 111 4.40 -8.15 -21.74
N GLU A 111 4.41 -8.11 -21.76
CA GLU A 111 3.02 -7.74 -21.49
CA GLU A 111 3.08 -7.58 -21.54
C GLU A 111 2.77 -7.55 -19.99
C GLU A 111 2.78 -7.52 -20.04
N GLY A 112 2.27 -6.38 -19.60
CA GLY A 112 1.96 -6.10 -18.21
C GLY A 112 3.09 -5.38 -17.50
N ILE A 113 4.30 -5.39 -18.07
CA ILE A 113 5.43 -4.87 -17.35
C ILE A 113 5.67 -3.36 -17.46
N LEU A 114 5.22 -2.74 -18.53
CA LEU A 114 5.49 -1.34 -18.78
C LEU A 114 4.86 -0.50 -17.69
N GLU A 115 3.63 -0.86 -17.35
CA GLU A 115 2.91 -0.15 -16.29
C GLU A 115 3.70 -0.20 -15.00
N ILE A 116 4.20 -1.40 -14.67
CA ILE A 116 5.00 -1.54 -13.46
C ILE A 116 6.27 -0.65 -13.49
N PHE A 117 6.94 -0.63 -14.64
CA PHE A 117 8.11 0.20 -14.82
C PHE A 117 7.69 1.63 -14.60
N ASP A 118 6.52 2.01 -15.12
CA ASP A 118 6.08 3.42 -15.04
C ASP A 118 5.81 3.84 -13.60
N MET A 119 5.30 2.92 -12.81
CA MET A 119 4.99 3.16 -11.41
C MET A 119 6.28 3.29 -10.63
N LEU A 120 7.21 2.33 -10.84
CA LEU A 120 8.57 2.37 -10.25
C LEU A 120 9.26 3.63 -10.67
N LEU A 121 9.19 3.99 -11.95
CA LEU A 121 9.83 5.23 -12.39
C LEU A 121 9.25 6.48 -11.75
N ALA A 122 7.91 6.57 -11.63
CA ALA A 122 7.28 7.76 -11.02
C ALA A 122 7.62 7.85 -9.50
N THR A 123 7.55 6.72 -8.81
CA THR A 123 7.92 6.69 -7.40
C THR A 123 9.37 7.11 -7.21
N THR A 124 10.28 6.59 -8.06
CA THR A 124 11.69 6.97 -8.07
C THR A 124 11.81 8.50 -8.34
N SER A 125 11.08 9.04 -9.31
CA SER A 125 11.09 10.51 -9.54
C SER A 125 10.62 11.25 -8.33
N ARG A 126 9.58 10.77 -7.66
CA ARG A 126 9.15 11.44 -6.42
C ARG A 126 10.24 11.43 -5.34
N PHE A 127 10.90 10.28 -5.15
CA PHE A 127 12.05 10.27 -4.23
C PHE A 127 13.12 11.28 -4.67
N ARG A 128 13.40 11.35 -5.99
CA ARG A 128 14.45 12.26 -6.48
C ARG A 128 14.07 13.71 -6.22
N GLU A 129 12.81 14.06 -6.49
CA GLU A 129 12.31 15.42 -6.22
C GLU A 129 12.46 15.78 -4.71
N LEU A 130 12.14 14.84 -3.81
CA LEU A 130 12.31 15.00 -2.38
C LEU A 130 13.81 14.97 -1.98
N LYS A 131 14.72 14.60 -2.89
CA LYS A 131 16.13 14.43 -2.52
C LYS A 131 16.28 13.47 -1.37
N LEU A 132 15.72 12.27 -1.55
CA LEU A 132 15.82 11.22 -0.53
C LEU A 132 17.26 11.01 -0.17
N GLN A 133 17.56 10.97 1.13
CA GLN A 133 18.95 10.80 1.56
C GLN A 133 19.18 9.32 1.92
N HIS A 134 20.42 8.85 1.79
CA HIS A 134 20.79 7.48 2.01
C HIS A 134 20.30 6.94 3.35
N LYS A 135 20.48 7.72 4.40
CA LYS A 135 20.00 7.33 5.70
C LYS A 135 18.49 7.33 5.80
N GLU A 136 17.80 8.18 5.05
CA GLU A 136 16.33 8.09 5.09
C GLU A 136 15.89 6.79 4.36
N TYR A 137 16.60 6.45 3.28
CA TYR A 137 16.31 5.24 2.51
C TYR A 137 16.54 4.01 3.37
N LEU A 138 17.56 4.06 4.22
CA LEU A 138 17.75 2.90 5.14
C LEU A 138 16.59 2.69 6.10
N CYS A 139 16.05 3.79 6.64
CA CYS A 139 14.99 3.68 7.63
C CYS A 139 13.70 3.27 6.95
N VAL A 140 13.45 3.87 5.78
CA VAL A 140 12.24 3.59 5.02
C VAL A 140 12.26 2.12 4.60
N LYS A 141 13.40 1.58 4.17
CA LYS A 141 13.39 0.15 3.74
C LYS A 141 13.10 -0.83 4.88
N ALA A 142 13.71 -0.57 6.04
CA ALA A 142 13.48 -1.34 7.25
C ALA A 142 12.03 -1.16 7.70
N MET A 143 11.48 0.05 7.51
CA MET A 143 10.05 0.27 7.86
C MET A 143 9.11 -0.61 6.99
N ILE A 144 9.45 -0.77 5.72
CA ILE A 144 8.69 -1.65 4.80
C ILE A 144 8.68 -3.07 5.31
N LEU A 145 9.82 -3.55 5.76
CA LEU A 145 9.83 -4.89 6.34
C LEU A 145 8.94 -4.92 7.59
N LEU A 146 9.07 -3.95 8.49
CA LEU A 146 8.42 -4.05 9.76
C LEU A 146 6.95 -3.67 9.77
N ASN A 147 6.52 -2.88 8.77
CA ASN A 147 5.16 -2.33 8.68
C ASN A 147 4.14 -3.13 7.85
N SER A 148 4.12 -4.43 7.94
CA SER A 148 2.99 -5.04 7.28
C SER A 148 1.80 -5.43 8.25
N SER A 149 0.53 -5.42 7.75
CA SER A 149 -0.59 -6.05 8.51
C SER A 149 -0.11 -7.34 9.02
N MET A 150 -0.46 -7.60 10.27
CA MET A 150 -0.23 -8.92 10.80
C MET A 150 -1.56 -9.68 11.02
N TYR A 151 -2.59 -8.98 11.47
CA TYR A 151 -3.71 -9.63 12.09
C TYR A 151 -3.28 -10.91 12.81
N PRO A 152 -3.53 -10.98 14.12
CA PRO A 152 -3.13 -12.21 14.84
C PRO A 152 -3.18 -13.47 13.92
N LEU A 153 -2.09 -14.25 13.89
CA LEU A 153 -2.12 -15.60 13.35
C LEU A 153 -2.55 -16.53 14.49
N VAL A 154 -2.95 -17.78 14.19
CA VAL A 154 -2.96 -18.79 15.25
C VAL A 154 -1.77 -19.74 15.06
N THR A 155 -0.82 -19.69 16.00
CA THR A 155 0.40 -20.52 15.89
C THR A 155 0.37 -21.56 17.00
N ASP A 161 4.28 -12.18 22.82
CA ASP A 161 5.06 -10.96 22.99
C ASP A 161 5.86 -10.60 21.71
N SER A 162 5.73 -11.42 20.68
CA SER A 162 6.31 -11.12 19.39
C SER A 162 5.67 -9.84 18.82
N SER A 163 4.35 -9.80 18.69
CA SER A 163 3.67 -8.59 18.23
C SER A 163 4.03 -7.31 19.02
N ARG A 164 4.31 -7.44 20.32
CA ARG A 164 4.75 -6.26 21.08
C ARG A 164 6.19 -5.93 20.72
N LYS A 165 6.99 -6.98 20.56
CA LYS A 165 8.36 -6.81 20.13
C LYS A 165 8.43 -6.16 18.70
N LEU A 166 7.53 -6.56 17.79
CA LEU A 166 7.42 -5.88 16.48
C LEU A 166 7.15 -4.38 16.66
N ALA A 167 6.21 -4.04 17.55
CA ALA A 167 5.80 -2.67 17.62
C ALA A 167 6.96 -1.84 18.05
N HIS A 168 7.70 -2.31 19.06
CA HIS A 168 8.87 -1.63 19.63
C HIS A 168 9.93 -1.37 18.55
N LEU A 169 10.13 -2.36 17.68
CA LEU A 169 11.08 -2.22 16.56
C LEU A 169 10.70 -1.14 15.53
N LEU A 170 9.50 -1.28 15.00
CA LEU A 170 8.97 -0.32 14.08
C LEU A 170 9.04 1.09 14.72
N ASN A 171 8.68 1.19 16.00
CA ASN A 171 8.88 2.45 16.71
C ASN A 171 10.23 2.99 16.64
N ALA A 172 11.20 2.19 17.07
CA ALA A 172 12.64 2.56 16.99
C ALA A 172 13.01 2.99 15.58
N VAL A 173 12.59 2.23 14.55
CA VAL A 173 12.93 2.64 13.13
C VAL A 173 12.24 3.99 12.71
N THR A 174 10.98 4.15 13.12
CA THR A 174 10.32 5.42 12.86
C THR A 174 11.00 6.57 13.62
N ASP A 175 11.32 6.36 14.91
CA ASP A 175 12.19 7.32 15.61
C ASP A 175 13.49 7.62 14.91
N ALA A 176 14.11 6.58 14.36
CA ALA A 176 15.40 6.77 13.67
C ALA A 176 15.21 7.64 12.45
N LEU A 177 14.11 7.47 11.73
CA LEU A 177 13.83 8.33 10.56
C LEU A 177 13.56 9.82 10.96
N VAL A 178 12.72 10.05 11.99
CA VAL A 178 12.46 11.39 12.53
C VAL A 178 13.80 12.07 12.90
N TRP A 179 14.65 11.29 13.55
CA TRP A 179 16.03 11.76 13.97
C TRP A 179 16.86 12.08 12.75
N VAL A 180 16.84 11.17 11.74
CA VAL A 180 17.57 11.50 10.51
C VAL A 180 17.03 12.82 9.92
N ILE A 181 15.71 12.95 9.85
CA ILE A 181 15.15 14.16 9.25
C ILE A 181 15.51 15.43 10.05
N ALA A 182 15.59 15.33 11.39
CA ALA A 182 15.95 16.49 12.21
C ALA A 182 17.33 17.03 11.89
N LYS A 183 18.19 16.19 11.33
CA LYS A 183 19.53 16.66 10.89
C LYS A 183 19.54 17.73 9.85
N SER A 184 18.48 17.81 9.06
CA SER A 184 18.44 18.81 7.99
C SER A 184 18.29 20.25 8.51
N GLY A 185 17.84 20.38 9.77
CA GLY A 185 17.64 21.68 10.41
C GLY A 185 16.39 22.46 9.97
N ILE A 186 15.66 21.96 8.98
CA ILE A 186 14.48 22.71 8.47
C ILE A 186 13.41 22.97 9.53
N SER A 187 12.37 23.70 9.16
CA SER A 187 11.34 24.08 10.15
C SER A 187 10.58 22.87 10.66
N SER A 188 10.16 22.93 11.93
CA SER A 188 9.28 21.93 12.50
C SER A 188 8.20 21.55 11.51
N GLN A 189 7.59 22.53 10.88
CA GLN A 189 6.47 22.25 9.95
C GLN A 189 6.92 21.44 8.71
N GLN A 190 8.14 21.72 8.27
CA GLN A 190 8.68 21.12 7.09
C GLN A 190 9.23 19.73 7.36
N GLN A 191 9.60 19.48 8.63
CA GLN A 191 10.10 18.20 9.07
C GLN A 191 8.92 17.25 9.15
N SER A 192 7.74 17.79 9.49
CA SER A 192 6.48 17.00 9.52
C SER A 192 6.03 16.68 8.08
N MET A 193 6.09 17.70 7.23
CA MET A 193 5.69 17.51 5.86
C MET A 193 6.59 16.48 5.14
N ARG A 194 7.89 16.51 5.44
CA ARG A 194 8.83 15.55 4.84
C ARG A 194 8.52 14.13 5.36
N LEU A 195 8.26 13.99 6.64
CA LEU A 195 7.95 12.68 7.17
C LEU A 195 6.70 12.17 6.42
N ALA A 196 5.74 13.06 6.20
CA ALA A 196 4.50 12.63 5.63
C ALA A 196 4.70 12.33 4.16
N ASN A 197 5.46 13.17 3.47
CA ASN A 197 5.79 12.94 2.08
C ASN A 197 6.49 11.59 1.89
N LEU A 198 7.52 11.32 2.69
CA LEU A 198 8.15 9.98 2.66
C LEU A 198 7.16 8.85 2.93
N LEU A 199 6.42 8.90 4.04
CA LEU A 199 5.54 7.78 4.40
C LEU A 199 4.37 7.59 3.48
N MET A 200 3.89 8.69 2.88
CA MET A 200 2.78 8.53 1.95
C MET A 200 3.21 7.72 0.75
N LEU A 201 4.52 7.66 0.50
CA LEU A 201 5.01 6.94 -0.64
C LEU A 201 5.01 5.45 -0.37
N LEU A 202 4.88 5.06 0.92
CA LEU A 202 4.82 3.65 1.29
C LEU A 202 3.67 2.93 0.58
N SER A 203 2.56 3.65 0.42
CA SER A 203 1.40 3.22 -0.36
C SER A 203 1.72 2.95 -1.81
N HIS A 204 2.45 3.86 -2.46
CA HIS A 204 2.84 3.66 -3.88
C HIS A 204 3.67 2.43 -3.99
N VAL A 205 4.61 2.28 -3.05
CA VAL A 205 5.45 1.07 -3.04
C VAL A 205 4.55 -0.16 -2.88
N ARG A 206 3.60 -0.11 -1.96
CA ARG A 206 2.80 -1.34 -1.76
C ARG A 206 1.98 -1.60 -3.03
N HIS A 207 1.53 -0.53 -3.64
CA HIS A 207 0.67 -0.61 -4.81
C HIS A 207 1.42 -1.23 -6.00
N ALA A 208 2.68 -0.83 -6.22
CA ALA A 208 3.54 -1.39 -7.26
C ALA A 208 3.90 -2.82 -6.97
N SER A 209 4.14 -3.10 -5.69
CA SER A 209 4.43 -4.43 -5.23
C SER A 209 3.35 -5.41 -5.60
N ASN A 210 2.11 -4.97 -5.40
CA ASN A 210 0.95 -5.77 -5.64
C ASN A 210 0.88 -6.02 -7.12
N LYS A 211 1.11 -5.01 -7.94
CA LYS A 211 1.10 -5.22 -9.38
C LYS A 211 2.27 -6.14 -9.81
N GLY A 212 3.47 -5.98 -9.22
CA GLY A 212 4.56 -6.91 -9.49
C GLY A 212 4.21 -8.36 -9.14
N MET A 213 3.60 -8.55 -7.97
CA MET A 213 3.29 -9.91 -7.49
C MET A 213 2.35 -10.67 -8.44
N GLU A 214 1.29 -9.99 -8.80
CA GLU A 214 0.27 -10.47 -9.66
C GLU A 214 0.92 -10.71 -11.08
N HIS A 215 1.81 -9.82 -11.52
CA HIS A 215 2.47 -10.07 -12.78
C HIS A 215 3.18 -11.40 -12.78
N LEU A 216 4.04 -11.59 -11.78
CA LEU A 216 4.75 -12.84 -11.63
C LEU A 216 3.83 -14.05 -11.37
N LEU A 217 2.73 -13.87 -10.64
CA LEU A 217 1.86 -15.04 -10.38
C LEU A 217 1.18 -15.44 -11.69
N ASN A 218 0.77 -14.45 -12.46
CA ASN A 218 0.29 -14.70 -13.82
C ASN A 218 1.33 -15.27 -14.82
N MET A 219 2.54 -14.77 -14.81
CA MET A 219 3.51 -15.37 -15.68
C MET A 219 3.68 -16.81 -15.27
N LYS A 220 3.89 -17.05 -14.00
CA LYS A 220 4.05 -18.41 -13.47
C LYS A 220 2.94 -19.38 -13.90
N CYS A 221 1.72 -18.84 -14.12
CA CYS A 221 0.57 -19.62 -14.58
C CYS A 221 0.70 -19.95 -16.06
N LYS A 222 1.13 -18.97 -16.82
CA LYS A 222 1.34 -19.10 -18.26
C LYS A 222 2.60 -19.93 -18.62
N ASN A 223 3.31 -20.51 -17.63
CA ASN A 223 4.73 -20.96 -17.85
C ASN A 223 5.45 -20.07 -18.89
N VAL A 224 5.30 -18.74 -18.71
CA VAL A 224 5.97 -17.71 -19.57
C VAL A 224 7.46 -17.63 -19.19
N VAL A 225 7.75 -18.27 -18.06
CA VAL A 225 9.05 -18.33 -17.42
C VAL A 225 8.97 -19.42 -16.32
N PRO A 226 9.91 -20.36 -16.30
CA PRO A 226 10.00 -21.20 -15.11
C PRO A 226 10.64 -20.42 -13.94
N VAL A 227 10.07 -20.56 -12.75
CA VAL A 227 10.65 -19.89 -11.58
C VAL A 227 11.20 -20.98 -10.63
N TYR A 228 12.29 -20.62 -9.95
CA TYR A 228 13.00 -21.58 -9.17
C TYR A 228 13.10 -21.20 -7.72
N ASP A 229 13.21 -22.23 -6.87
CA ASP A 229 13.85 -22.08 -5.57
C ASP A 229 13.10 -21.09 -4.65
N LEU A 230 13.85 -20.09 -4.19
CA LEU A 230 13.36 -19.17 -3.18
C LEU A 230 12.18 -18.40 -3.75
N LEU A 231 12.39 -17.80 -4.92
CA LEU A 231 11.30 -17.04 -5.59
C LEU A 231 10.05 -17.88 -5.79
N LEU A 232 10.22 -19.09 -6.32
CA LEU A 232 9.13 -20.04 -6.53
C LEU A 232 8.42 -20.26 -5.21
N GLU A 233 9.19 -20.61 -4.17
CA GLU A 233 8.66 -20.77 -2.82
C GLU A 233 7.82 -19.55 -2.36
N MET A 234 8.41 -18.35 -2.39
CA MET A 234 7.68 -17.15 -1.98
C MET A 234 6.41 -16.96 -2.80
N LEU A 235 6.45 -17.28 -4.07
CA LEU A 235 5.25 -17.07 -4.89
C LEU A 235 4.13 -18.10 -4.61
N ASN A 236 4.52 -19.35 -4.37
CA ASN A 236 3.58 -20.44 -3.99
C ASN A 236 2.70 -20.00 -2.78
N ALA A 237 3.29 -19.12 -1.97
CA ALA A 237 2.59 -18.16 -1.09
C ALA A 237 2.75 -18.64 0.34
N SER B 4 -6.77 26.23 3.77
CA SER B 4 -6.37 26.67 5.15
C SER B 4 -7.03 25.69 6.15
N PRO B 5 -6.31 25.25 7.20
CA PRO B 5 -6.62 23.97 7.83
C PRO B 5 -8.00 23.86 8.44
N GLU B 6 -8.39 24.85 9.24
CA GLU B 6 -9.71 24.81 9.91
C GLU B 6 -10.92 24.68 8.97
N GLN B 7 -10.86 25.42 7.88
CA GLN B 7 -11.87 25.47 6.90
C GLN B 7 -11.76 24.27 5.98
N LEU B 8 -10.53 23.77 5.75
CA LEU B 8 -10.38 22.59 4.94
C LEU B 8 -11.12 21.45 5.65
N VAL B 9 -10.88 21.33 6.95
CA VAL B 9 -11.43 20.26 7.78
C VAL B 9 -12.98 20.33 7.84
N LEU B 10 -13.49 21.59 7.93
CA LEU B 10 -14.89 21.82 8.04
C LEU B 10 -15.48 21.36 6.71
N THR B 11 -14.82 21.68 5.60
CA THR B 11 -15.31 21.27 4.27
C THR B 11 -15.37 19.74 4.09
N LEU B 12 -14.37 19.03 4.61
CA LEU B 12 -14.31 17.55 4.60
C LEU B 12 -15.45 17.00 5.47
N LEU B 13 -15.62 17.60 6.64
CA LEU B 13 -16.75 17.29 7.52
C LEU B 13 -18.11 17.41 6.80
N GLU B 14 -18.26 18.47 6.05
CA GLU B 14 -19.49 18.73 5.44
C GLU B 14 -19.64 17.87 4.21
N ALA B 15 -18.54 17.35 3.69
CA ALA B 15 -18.55 16.58 2.47
C ALA B 15 -18.94 15.11 2.74
N GLU B 16 -18.96 14.66 4.00
CA GLU B 16 -19.11 13.23 4.28
C GLU B 16 -20.34 12.65 3.62
N PRO B 17 -20.21 11.46 3.04
CA PRO B 17 -21.35 10.89 2.32
C PRO B 17 -22.33 10.33 3.29
N PRO B 18 -23.61 10.26 2.93
CA PRO B 18 -24.60 9.55 3.78
C PRO B 18 -24.29 8.07 3.91
N HIS B 19 -24.77 7.45 4.99
CA HIS B 19 -24.65 6.01 5.21
C HIS B 19 -25.59 5.33 4.20
N VAL B 20 -25.07 4.53 3.28
CA VAL B 20 -26.02 3.76 2.47
C VAL B 20 -26.70 2.67 3.34
N LEU B 21 -28.03 2.63 3.38
CA LEU B 21 -28.76 1.60 4.12
C LEU B 21 -28.98 0.33 3.33
N ILE B 22 -28.76 -0.80 3.94
CA ILE B 22 -28.97 -2.08 3.29
C ILE B 22 -29.30 -3.08 4.39
N SER B 23 -30.07 -4.12 4.07
CA SER B 23 -30.41 -5.17 5.06
C SER B 23 -29.85 -6.56 4.68
N ARG B 24 -29.60 -7.42 5.66
CA ARG B 24 -29.33 -8.85 5.43
C ARG B 24 -30.51 -9.44 4.64
N PRO B 25 -30.27 -10.34 3.68
CA PRO B 25 -31.53 -10.99 3.19
C PRO B 25 -32.28 -11.84 4.25
N SER B 26 -33.55 -12.16 3.99
CA SER B 26 -34.36 -13.16 4.75
C SER B 26 -33.72 -14.50 4.92
N ALA B 27 -33.34 -15.08 3.80
CA ALA B 27 -32.75 -16.43 3.72
C ALA B 27 -31.33 -16.36 4.35
N PRO B 28 -30.84 -17.48 4.91
CA PRO B 28 -29.45 -17.59 5.37
C PRO B 28 -28.50 -17.18 4.24
N PHE B 29 -27.36 -16.56 4.57
CA PHE B 29 -26.40 -16.21 3.53
C PHE B 29 -25.91 -17.44 2.73
N THR B 30 -25.73 -17.24 1.44
CA THR B 30 -24.94 -18.12 0.62
C THR B 30 -23.77 -17.24 0.13
N GLU B 31 -22.74 -17.91 -0.42
CA GLU B 31 -21.63 -17.21 -0.99
C GLU B 31 -22.16 -16.18 -1.96
N ALA B 32 -23.06 -16.62 -2.84
CA ALA B 32 -23.75 -15.72 -3.79
C ALA B 32 -24.42 -14.57 -3.11
N SER B 33 -25.30 -14.84 -2.14
CA SER B 33 -26.14 -13.69 -1.64
C SER B 33 -25.30 -12.75 -0.77
N MET B 34 -24.27 -13.31 -0.12
CA MET B 34 -23.35 -12.42 0.57
C MET B 34 -22.62 -11.47 -0.40
N MET B 35 -22.09 -11.99 -1.52
CA MET B 35 -21.43 -11.10 -2.48
C MET B 35 -22.44 -10.13 -3.12
N MET B 36 -23.67 -10.55 -3.24
CA MET B 36 -24.67 -9.69 -3.75
C MET B 36 -24.87 -8.48 -2.91
N SER B 37 -25.01 -8.70 -1.60
CA SER B 37 -25.24 -7.69 -0.65
C SER B 37 -24.02 -6.74 -0.58
N LEU B 38 -22.81 -7.28 -0.58
CA LEU B 38 -21.65 -6.43 -0.48
C LEU B 38 -21.39 -5.59 -1.72
N THR B 39 -21.56 -6.18 -2.91
CA THR B 39 -21.43 -5.44 -4.17
C THR B 39 -22.59 -4.44 -4.45
N LYS B 40 -23.82 -4.81 -4.15
CA LYS B 40 -24.89 -3.85 -4.18
C LYS B 40 -24.61 -2.58 -3.30
N LEU B 41 -24.12 -2.82 -2.06
CA LEU B 41 -23.72 -1.74 -1.15
C LEU B 41 -22.57 -0.91 -1.80
N ALA B 42 -21.55 -1.60 -2.32
CA ALA B 42 -20.32 -0.91 -2.81
C ALA B 42 -20.73 -0.04 -3.97
N ASP B 43 -21.54 -0.59 -4.86
CA ASP B 43 -22.00 0.13 -6.03
C ASP B 43 -22.65 1.41 -5.55
N LYS B 44 -23.55 1.30 -4.57
CA LYS B 44 -24.26 2.51 -4.19
C LYS B 44 -23.33 3.53 -3.50
N GLU B 45 -22.44 3.05 -2.64
CA GLU B 45 -21.54 3.93 -1.94
C GLU B 45 -20.61 4.63 -2.94
N LEU B 46 -20.32 3.96 -4.05
CA LEU B 46 -19.47 4.51 -5.09
C LEU B 46 -20.15 5.70 -5.69
N VAL B 47 -21.48 5.64 -5.94
CA VAL B 47 -22.25 6.80 -6.42
C VAL B 47 -22.01 7.98 -5.47
N HIS B 48 -22.13 7.75 -4.18
CA HIS B 48 -21.89 8.81 -3.28
C HIS B 48 -20.46 9.27 -3.10
N MET B 49 -19.51 8.38 -3.38
CA MET B 49 -18.12 8.76 -3.28
C MET B 49 -17.75 9.83 -4.30
N ILE B 50 -18.36 9.74 -5.50
CA ILE B 50 -18.15 10.72 -6.53
C ILE B 50 -18.50 12.15 -6.07
N SER B 51 -19.67 12.29 -5.40
CA SER B 51 -20.18 13.59 -4.87
C SER B 51 -19.35 14.08 -3.72
N TRP B 52 -18.98 13.15 -2.85
CA TRP B 52 -17.95 13.44 -1.86
C TRP B 52 -16.68 14.01 -2.50
N ALA B 53 -16.06 13.30 -3.46
CA ALA B 53 -14.77 13.77 -3.98
C ALA B 53 -14.96 15.14 -4.58
N LYS B 54 -16.15 15.40 -5.11
CA LYS B 54 -16.37 16.68 -5.81
C LYS B 54 -16.52 17.81 -4.85
N LYS B 55 -16.68 17.49 -3.57
CA LYS B 55 -16.79 18.53 -2.56
C LYS B 55 -15.43 18.89 -1.92
N ILE B 56 -14.41 18.09 -2.19
CA ILE B 56 -13.06 18.38 -1.72
C ILE B 56 -12.53 19.61 -2.55
N PRO B 57 -12.18 20.69 -1.85
CA PRO B 57 -11.71 21.90 -2.54
C PRO B 57 -10.60 21.60 -3.54
N GLY B 58 -10.78 22.06 -4.79
CA GLY B 58 -9.76 21.93 -5.82
C GLY B 58 -9.95 20.72 -6.74
N PHE B 59 -10.58 19.68 -6.23
CA PHE B 59 -10.72 18.41 -6.95
C PHE B 59 -11.36 18.58 -8.30
N VAL B 60 -12.44 19.38 -8.39
CA VAL B 60 -13.07 19.55 -9.71
C VAL B 60 -12.24 20.46 -10.64
N GLU B 61 -11.32 21.25 -10.08
CA GLU B 61 -10.39 22.08 -10.90
C GLU B 61 -9.31 21.19 -11.50
N LEU B 62 -9.19 19.95 -11.03
CA LEU B 62 -8.22 19.06 -11.66
C LEU B 62 -8.79 18.69 -12.99
N SER B 63 -7.95 18.24 -13.91
CA SER B 63 -8.42 17.82 -15.21
C SER B 63 -9.30 16.61 -14.99
N LEU B 64 -10.21 16.39 -15.93
CA LEU B 64 -11.11 15.28 -15.93
C LEU B 64 -10.40 13.94 -15.80
N PHE B 65 -9.35 13.71 -16.61
CA PHE B 65 -8.55 12.50 -16.49
C PHE B 65 -8.03 12.36 -15.10
N ASP B 66 -7.73 13.49 -14.43
CA ASP B 66 -7.04 13.36 -13.14
C ASP B 66 -8.08 12.97 -12.12
N GLN B 67 -9.24 13.62 -12.15
CA GLN B 67 -10.31 13.25 -11.29
C GLN B 67 -10.66 11.76 -11.52
N VAL B 68 -10.65 11.30 -12.77
CA VAL B 68 -10.93 9.93 -13.12
C VAL B 68 -9.87 8.96 -12.56
N ARG B 69 -8.61 9.24 -12.84
CA ARG B 69 -7.51 8.38 -12.46
C ARG B 69 -7.43 8.27 -10.93
N LEU B 70 -7.65 9.34 -10.19
CA LEU B 70 -7.60 9.25 -8.71
C LEU B 70 -8.70 8.34 -8.18
N LEU B 71 -9.93 8.57 -8.64
CA LEU B 71 -11.07 7.74 -8.26
C LEU B 71 -10.89 6.28 -8.63
N GLU B 72 -10.37 5.99 -9.83
CA GLU B 72 -10.22 4.60 -10.23
C GLU B 72 -9.20 3.96 -9.36
N SER B 73 -8.24 4.76 -8.95
CA SER B 73 -7.14 4.20 -8.17
C SER B 73 -7.51 3.97 -6.66
N CYS B 74 -8.32 4.83 -6.05
CA CYS B 74 -8.51 4.75 -4.59
C CYS B 74 -9.88 4.26 -4.13
N TRP B 75 -10.78 3.91 -5.04
CA TRP B 75 -12.16 3.69 -4.59
C TRP B 75 -12.32 2.62 -3.52
N MET B 76 -11.70 1.48 -3.73
CA MET B 76 -11.81 0.42 -2.79
C MET B 76 -11.13 0.84 -1.48
N GLU B 77 -9.94 1.43 -1.54
CA GLU B 77 -9.33 1.98 -0.29
C GLU B 77 -10.30 2.91 0.47
N VAL B 78 -11.00 3.77 -0.29
CA VAL B 78 -11.94 4.71 0.33
C VAL B 78 -13.16 3.95 0.85
N LEU B 79 -13.70 3.00 0.09
CA LEU B 79 -14.78 2.15 0.66
C LEU B 79 -14.29 1.60 1.97
N MET B 80 -13.06 1.11 1.97
CA MET B 80 -12.57 0.42 3.18
C MET B 80 -12.33 1.28 4.36
N MET B 81 -11.77 2.48 4.13
CA MET B 81 -11.54 3.46 5.19
C MET B 81 -12.88 3.87 5.85
N GLY B 82 -13.88 4.14 5.02
CA GLY B 82 -15.23 4.40 5.53
C GLY B 82 -15.67 3.20 6.39
N LEU B 83 -15.52 1.97 5.91
CA LEU B 83 -16.01 0.80 6.68
C LEU B 83 -15.31 0.75 8.02
N MET B 84 -13.97 0.98 7.97
CA MET B 84 -13.19 0.78 9.17
C MET B 84 -13.59 1.86 10.19
N TRP B 85 -13.88 3.07 9.72
CA TRP B 85 -14.30 4.12 10.60
C TRP B 85 -15.67 3.77 11.26
N ARG B 86 -16.64 3.29 10.47
CA ARG B 86 -17.89 2.83 11.05
C ARG B 86 -17.73 1.70 12.04
N SER B 87 -16.71 0.84 11.86
CA SER B 87 -16.50 -0.38 12.70
C SER B 87 -15.59 -0.16 13.94
N ILE B 88 -15.01 1.04 14.03
CA ILE B 88 -13.92 1.27 14.93
C ILE B 88 -14.25 0.86 16.38
N ASP B 89 -15.49 1.08 16.81
CA ASP B 89 -15.85 0.83 18.18
C ASP B 89 -16.45 -0.55 18.37
N HIS B 90 -16.36 -1.40 17.34
CA HIS B 90 -17.05 -2.68 17.35
C HIS B 90 -16.14 -3.83 17.04
N PRO B 91 -15.23 -4.18 17.98
CA PRO B 91 -14.28 -5.26 17.74
C PRO B 91 -14.95 -6.52 17.22
N GLY B 92 -14.32 -7.25 16.29
CA GLY B 92 -14.89 -8.54 15.81
C GLY B 92 -16.08 -8.38 14.83
N LYS B 93 -16.46 -7.13 14.57
CA LYS B 93 -17.59 -6.80 13.65
C LYS B 93 -17.19 -5.81 12.57
N LEU B 94 -17.79 -5.96 11.40
CA LEU B 94 -17.63 -5.03 10.33
C LEU B 94 -19.03 -4.40 10.10
N ILE B 95 -19.10 -3.07 10.27
CA ILE B 95 -20.39 -2.40 10.22
C ILE B 95 -20.60 -1.89 8.81
N PHE B 96 -21.02 -2.77 7.93
CA PHE B 96 -21.19 -2.35 6.54
C PHE B 96 -22.28 -1.34 6.42
N ALA B 97 -23.31 -1.50 7.25
CA ALA B 97 -24.43 -0.57 7.30
C ALA B 97 -25.13 -0.87 8.62
N PRO B 98 -26.06 0.04 9.07
CA PRO B 98 -26.72 -0.23 10.34
C PRO B 98 -27.39 -1.59 10.42
N ASP B 99 -27.89 -2.10 9.31
CA ASP B 99 -28.63 -3.32 9.34
C ASP B 99 -27.87 -4.45 8.66
N LEU B 100 -26.60 -4.19 8.37
CA LEU B 100 -25.68 -5.19 7.77
C LEU B 100 -24.40 -5.11 8.56
N VAL B 101 -24.44 -5.75 9.73
CA VAL B 101 -23.33 -5.81 10.65
C VAL B 101 -22.85 -7.23 10.59
N LEU B 102 -21.68 -7.48 10.01
CA LEU B 102 -21.15 -8.87 9.88
C LEU B 102 -20.13 -9.18 10.96
N ASP B 103 -20.39 -10.29 11.61
CA ASP B 103 -19.38 -10.92 12.49
C ASP B 103 -18.18 -11.38 11.64
N ARG B 104 -16.99 -11.30 12.21
CA ARG B 104 -15.82 -11.84 11.57
C ARG B 104 -16.07 -13.26 11.00
N ASP B 105 -16.69 -14.17 11.78
CA ASP B 105 -16.80 -15.55 11.24
C ASP B 105 -17.69 -15.65 9.99
N GLU B 106 -18.50 -14.62 9.75
CA GLU B 106 -19.36 -14.62 8.57
C GLU B 106 -18.59 -14.51 7.24
N GLY B 107 -17.37 -13.97 7.27
CA GLY B 107 -16.55 -14.05 6.06
C GLY B 107 -16.27 -15.51 5.57
N LYS B 108 -16.45 -16.49 6.45
CA LYS B 108 -16.18 -17.90 6.10
C LYS B 108 -17.19 -18.36 5.06
N CYS B 109 -18.31 -17.68 4.97
CA CYS B 109 -19.25 -18.06 3.95
C CYS B 109 -18.88 -17.69 2.47
N VAL B 110 -17.87 -16.84 2.26
CA VAL B 110 -17.36 -16.57 0.88
C VAL B 110 -15.83 -16.88 0.78
N GLU B 111 -15.45 -17.80 -0.11
CA GLU B 111 -14.05 -18.16 -0.29
C GLU B 111 -13.22 -16.91 -0.62
N GLY B 112 -12.13 -16.73 0.10
CA GLY B 112 -11.32 -15.56 -0.17
C GLY B 112 -11.61 -14.38 0.72
N ILE B 113 -12.75 -14.36 1.40
CA ILE B 113 -13.16 -13.09 1.98
C ILE B 113 -12.75 -12.96 3.43
N LEU B 114 -12.52 -14.07 4.09
CA LEU B 114 -12.23 -14.08 5.48
C LEU B 114 -10.91 -13.35 5.75
N GLU B 115 -9.94 -13.61 4.89
CA GLU B 115 -8.63 -12.98 5.04
C GLU B 115 -8.80 -11.45 4.93
N ILE B 116 -9.64 -11.04 4.03
CA ILE B 116 -9.90 -9.62 3.82
C ILE B 116 -10.59 -8.96 5.02
N PHE B 117 -11.49 -9.69 5.66
CA PHE B 117 -12.16 -9.23 6.86
C PHE B 117 -11.13 -9.13 7.92
N ASP B 118 -10.22 -10.11 7.96
CA ASP B 118 -9.18 -10.16 9.03
C ASP B 118 -8.25 -8.97 8.85
N MET B 119 -7.91 -8.65 7.62
CA MET B 119 -7.10 -7.45 7.34
C MET B 119 -7.85 -6.20 7.76
N LEU B 120 -9.14 -6.12 7.43
CA LEU B 120 -9.91 -4.89 7.75
C LEU B 120 -10.09 -4.77 9.23
N LEU B 121 -10.34 -5.89 9.90
CA LEU B 121 -10.48 -5.86 11.36
C LEU B 121 -9.20 -5.49 12.09
N ALA B 122 -8.04 -5.96 11.59
CA ALA B 122 -6.75 -5.66 12.25
C ALA B 122 -6.44 -4.13 12.13
N THR B 123 -6.53 -3.62 10.90
CA THR B 123 -6.36 -2.21 10.65
C THR B 123 -7.35 -1.38 11.49
N THR B 124 -8.61 -1.80 11.53
CA THR B 124 -9.58 -1.14 12.42
C THR B 124 -9.08 -1.22 13.88
N SER B 125 -8.52 -2.37 14.30
CA SER B 125 -8.02 -2.41 15.74
C SER B 125 -6.82 -1.49 15.95
N ARG B 126 -5.97 -1.35 14.95
CA ARG B 126 -4.87 -0.37 15.06
C ARG B 126 -5.42 1.05 15.15
N PHE B 127 -6.39 1.41 14.29
CA PHE B 127 -7.01 2.76 14.46
C PHE B 127 -7.68 2.90 15.86
N ARG B 128 -8.37 1.85 16.35
CA ARG B 128 -9.00 1.92 17.69
C ARG B 128 -7.90 2.14 18.76
N GLU B 129 -6.83 1.37 18.67
CA GLU B 129 -5.77 1.41 19.66
C GLU B 129 -5.04 2.80 19.66
N LEU B 130 -4.93 3.41 18.48
CA LEU B 130 -4.45 4.75 18.33
C LEU B 130 -5.53 5.80 18.69
N LYS B 131 -6.77 5.39 18.97
CA LYS B 131 -7.83 6.37 19.26
C LYS B 131 -7.98 7.34 18.16
N LEU B 132 -8.14 6.82 16.96
CA LEU B 132 -8.29 7.68 15.80
C LEU B 132 -9.41 8.70 16.03
N GLN B 133 -9.16 9.98 15.77
CA GLN B 133 -10.20 11.01 15.96
C GLN B 133 -10.93 11.29 14.63
N HIS B 134 -12.19 11.69 14.70
CA HIS B 134 -13.02 11.94 13.53
C HIS B 134 -12.35 12.90 12.53
N LYS B 135 -11.77 13.98 13.01
CA LYS B 135 -11.12 14.96 12.15
C LYS B 135 -9.84 14.35 11.57
N GLU B 136 -9.16 13.42 12.27
CA GLU B 136 -8.03 12.75 11.64
C GLU B 136 -8.49 11.82 10.49
N TYR B 137 -9.56 11.06 10.75
CA TYR B 137 -10.15 10.15 9.78
C TYR B 137 -10.56 10.94 8.54
N LEU B 138 -11.11 12.14 8.73
CA LEU B 138 -11.49 12.98 7.54
C LEU B 138 -10.29 13.31 6.66
N CYS B 139 -9.18 13.68 7.27
CA CYS B 139 -7.98 14.05 6.53
C CYS B 139 -7.34 12.82 5.90
N VAL B 140 -7.32 11.69 6.63
CA VAL B 140 -6.72 10.47 6.09
C VAL B 140 -7.53 10.01 4.91
N LYS B 141 -8.85 10.07 4.99
CA LYS B 141 -9.65 9.61 3.83
C LYS B 141 -9.42 10.47 2.58
N ALA B 142 -9.42 11.81 2.74
CA ALA B 142 -9.04 12.68 1.64
C ALA B 142 -7.62 12.38 1.14
N MET B 143 -6.66 12.17 2.06
CA MET B 143 -5.29 11.84 1.62
C MET B 143 -5.30 10.56 0.76
N ILE B 144 -6.12 9.56 1.11
CA ILE B 144 -6.22 8.33 0.30
C ILE B 144 -6.70 8.61 -1.12
N LEU B 145 -7.69 9.48 -1.25
CA LEU B 145 -8.07 9.98 -2.58
C LEU B 145 -6.88 10.66 -3.26
N LEU B 146 -6.22 11.60 -2.59
CA LEU B 146 -5.26 12.42 -3.30
C LEU B 146 -3.89 11.75 -3.47
N ASN B 147 -3.61 10.71 -2.68
CA ASN B 147 -2.31 10.09 -2.65
C ASN B 147 -2.16 8.84 -3.53
N SER B 148 -2.54 8.89 -4.79
CA SER B 148 -2.22 7.74 -5.62
C SER B 148 -1.11 8.00 -6.71
N SER B 149 -0.23 6.98 -6.98
CA SER B 149 0.74 7.05 -8.13
C SER B 149 0.03 7.78 -9.16
N MET B 150 0.56 8.94 -9.53
CA MET B 150 -0.08 9.69 -10.62
C MET B 150 0.87 9.86 -11.81
N TYR B 151 1.38 8.69 -12.27
CA TYR B 151 2.53 8.64 -13.16
C TYR B 151 2.15 9.27 -14.48
N PRO B 152 2.83 10.35 -14.87
CA PRO B 152 2.29 11.08 -16.02
C PRO B 152 1.61 10.13 -17.06
N LEU B 153 0.32 10.38 -17.36
CA LEU B 153 -0.31 9.80 -18.57
C LEU B 153 -0.12 10.75 -19.73
N VAL B 154 -0.45 10.30 -20.94
CA VAL B 154 -0.52 11.17 -22.11
C VAL B 154 -2.02 11.43 -22.44
N THR B 155 -2.44 12.68 -22.24
CA THR B 155 -3.79 13.08 -22.63
C THR B 155 -3.63 14.02 -23.79
N ALA B 156 -4.71 14.25 -24.55
CA ALA B 156 -4.64 15.05 -25.81
C ALA B 156 -4.51 16.55 -25.55
N LYS B 165 -0.99 21.03 -9.15
CA LYS B 165 -2.27 21.33 -8.46
C LYS B 165 -2.79 20.17 -7.54
N LEU B 166 -2.61 18.94 -7.96
CA LEU B 166 -2.83 17.81 -7.08
C LEU B 166 -1.90 17.90 -5.84
N ALA B 167 -0.63 18.29 -6.06
CA ALA B 167 0.33 18.27 -4.99
C ALA B 167 -0.06 19.30 -3.96
N HIS B 168 -0.54 20.46 -4.41
CA HIS B 168 -0.90 21.58 -3.53
C HIS B 168 -2.07 21.20 -2.61
N LEU B 169 -2.96 20.38 -3.19
CA LEU B 169 -4.16 19.81 -2.51
C LEU B 169 -3.76 18.82 -1.45
N LEU B 170 -3.00 17.81 -1.88
CA LEU B 170 -2.42 16.81 -0.97
C LEU B 170 -1.65 17.49 0.14
N ASN B 171 -0.77 18.46 -0.21
CA ASN B 171 -0.09 19.23 0.81
C ASN B 171 -1.02 19.89 1.80
N ALA B 172 -2.09 20.53 1.34
CA ALA B 172 -3.07 21.20 2.27
C ALA B 172 -3.74 20.19 3.17
N VAL B 173 -4.14 19.05 2.61
CA VAL B 173 -4.70 18.00 3.51
C VAL B 173 -3.68 17.44 4.56
N THR B 174 -2.46 17.15 4.12
CA THR B 174 -1.40 16.74 5.03
C THR B 174 -1.16 17.79 6.10
N ASP B 175 -1.10 19.06 5.69
CA ASP B 175 -1.06 20.19 6.64
C ASP B 175 -2.26 20.22 7.60
N ALA B 176 -3.44 20.01 7.06
CA ALA B 176 -4.61 19.96 7.94
C ALA B 176 -4.50 18.81 8.93
N LEU B 177 -3.99 17.64 8.52
CA LEU B 177 -3.86 16.52 9.48
C LEU B 177 -2.87 16.84 10.61
N VAL B 178 -1.72 17.44 10.27
CA VAL B 178 -0.71 17.85 11.21
C VAL B 178 -1.31 18.84 12.19
N TRP B 179 -2.09 19.80 11.64
CA TRP B 179 -2.85 20.79 12.44
C TRP B 179 -3.85 20.13 13.42
N VAL B 180 -4.65 19.17 12.94
CA VAL B 180 -5.55 18.40 13.84
C VAL B 180 -4.73 17.73 14.95
N ILE B 181 -3.63 17.09 14.57
CA ILE B 181 -2.87 16.34 15.55
C ILE B 181 -2.26 17.25 16.62
N ALA B 182 -1.74 18.41 16.20
CA ALA B 182 -1.26 19.47 17.13
C ALA B 182 -2.30 19.89 18.15
N LYS B 183 -3.57 19.79 17.79
CA LYS B 183 -4.64 20.23 18.70
C LYS B 183 -4.76 19.36 19.96
N SER B 184 -3.88 18.36 20.08
CA SER B 184 -3.90 17.44 21.20
C SER B 184 -2.80 17.77 22.22
N GLY B 185 -1.95 18.74 21.90
CA GLY B 185 -0.88 19.20 22.80
C GLY B 185 0.00 18.13 23.43
N ILE B 186 0.19 16.99 22.75
CA ILE B 186 1.21 16.02 23.16
C ILE B 186 2.61 16.55 22.70
N SER B 187 3.68 15.85 23.06
CA SER B 187 5.03 16.33 22.74
C SER B 187 5.32 16.32 21.23
N SER B 188 6.17 17.24 20.79
CA SER B 188 6.60 17.27 19.41
C SER B 188 6.96 15.86 18.96
N GLN B 189 7.67 15.16 19.81
CA GLN B 189 8.11 13.82 19.53
C GLN B 189 6.93 12.93 19.22
N GLN B 190 5.93 13.02 20.09
CA GLN B 190 4.77 12.17 20.02
C GLN B 190 3.89 12.53 18.82
N GLN B 191 3.92 13.79 18.37
CA GLN B 191 3.09 14.26 17.26
C GLN B 191 3.60 13.72 15.95
N SER B 192 4.94 13.63 15.85
CA SER B 192 5.64 13.01 14.71
C SER B 192 5.34 11.51 14.67
N MET B 193 5.42 10.87 15.85
CA MET B 193 5.11 9.48 15.98
C MET B 193 3.61 9.18 15.61
N ARG B 194 2.63 9.99 16.05
CA ARG B 194 1.23 9.73 15.69
C ARG B 194 1.09 9.93 14.17
N LEU B 195 1.72 10.95 13.64
CA LEU B 195 1.61 11.19 12.20
C LEU B 195 2.15 9.95 11.44
N ALA B 196 3.26 9.40 11.89
CA ALA B 196 3.89 8.31 11.17
C ALA B 196 3.03 7.10 11.38
N ASN B 197 2.48 6.94 12.57
CA ASN B 197 1.58 5.80 12.82
C ASN B 197 0.34 5.81 11.94
N LEU B 198 -0.32 6.96 11.87
CA LEU B 198 -1.41 7.13 10.91
C LEU B 198 -1.02 6.80 9.45
N LEU B 199 0.04 7.44 8.94
CA LEU B 199 0.42 7.31 7.51
C LEU B 199 0.95 5.96 7.14
N MET B 200 1.60 5.28 8.08
CA MET B 200 2.07 3.93 7.82
C MET B 200 0.90 2.99 7.65
N LEU B 201 -0.27 3.32 8.19
CA LEU B 201 -1.40 2.46 8.00
C LEU B 201 -2.00 2.63 6.60
N LEU B 202 -1.57 3.66 5.88
CA LEU B 202 -1.98 3.84 4.50
C LEU B 202 -1.65 2.64 3.57
N SER B 203 -0.47 2.07 3.78
CA SER B 203 -0.02 0.82 3.19
C SER B 203 -0.98 -0.30 3.50
N HIS B 204 -1.38 -0.46 4.77
CA HIS B 204 -2.25 -1.60 5.12
C HIS B 204 -3.55 -1.41 4.37
N VAL B 205 -4.02 -0.16 4.32
CA VAL B 205 -5.22 0.14 3.48
C VAL B 205 -4.98 -0.25 2.02
N ARG B 206 -3.79 0.07 1.49
CA ARG B 206 -3.59 -0.18 0.03
C ARG B 206 -3.53 -1.70 -0.17
N HIS B 207 -2.87 -2.37 0.76
CA HIS B 207 -2.73 -3.84 0.74
C HIS B 207 -4.11 -4.53 0.77
N ALA B 208 -4.98 -4.14 1.70
CA ALA B 208 -6.33 -4.72 1.78
C ALA B 208 -7.17 -4.44 0.55
N SER B 209 -7.05 -3.22 0.06
CA SER B 209 -7.71 -2.76 -1.14
C SER B 209 -7.35 -3.58 -2.37
N ASN B 210 -6.07 -3.89 -2.50
CA ASN B 210 -5.59 -4.79 -3.52
C ASN B 210 -6.18 -6.20 -3.33
N LYS B 211 -6.22 -6.71 -2.10
CA LYS B 211 -6.88 -8.02 -1.91
C LYS B 211 -8.42 -7.96 -2.30
N GLY B 212 -9.12 -6.89 -1.91
CA GLY B 212 -10.54 -6.74 -2.23
C GLY B 212 -10.79 -6.65 -3.74
N MET B 213 -9.90 -5.95 -4.45
CA MET B 213 -10.00 -5.76 -5.89
C MET B 213 -9.92 -7.07 -6.65
N GLU B 214 -8.89 -7.85 -6.32
CA GLU B 214 -8.67 -9.17 -6.87
C GLU B 214 -9.86 -10.02 -6.55
N HIS B 215 -10.31 -9.97 -5.29
CA HIS B 215 -11.47 -10.80 -4.93
C HIS B 215 -12.62 -10.55 -5.88
N LEU B 216 -12.95 -9.28 -6.07
CA LEU B 216 -14.07 -8.89 -6.92
C LEU B 216 -13.86 -9.15 -8.41
N LEU B 217 -12.63 -8.98 -8.91
CA LEU B 217 -12.34 -9.30 -10.33
C LEU B 217 -12.37 -10.81 -10.49
N ASN B 218 -11.96 -11.54 -9.45
CA ASN B 218 -12.15 -12.99 -9.40
C ASN B 218 -13.58 -13.52 -9.13
N MET B 219 -14.45 -12.75 -8.47
CA MET B 219 -15.86 -13.19 -8.32
C MET B 219 -16.56 -12.90 -9.65
N LYS B 220 -16.27 -11.74 -10.23
CA LYS B 220 -16.79 -11.36 -11.53
C LYS B 220 -16.46 -12.45 -12.56
N CYS B 221 -15.15 -12.65 -12.79
CA CYS B 221 -14.61 -13.69 -13.68
C CYS B 221 -15.41 -14.99 -13.68
N LYS B 222 -15.91 -15.40 -12.51
CA LYS B 222 -16.53 -16.69 -12.28
C LYS B 222 -18.08 -16.66 -12.27
N ASN B 223 -18.67 -15.64 -12.91
CA ASN B 223 -20.09 -15.22 -12.69
C ASN B 223 -20.73 -15.70 -11.37
N VAL B 224 -19.94 -15.51 -10.28
CA VAL B 224 -20.29 -15.94 -8.91
C VAL B 224 -21.24 -14.91 -8.27
N VAL B 225 -21.42 -13.82 -9.02
CA VAL B 225 -22.25 -12.69 -8.67
C VAL B 225 -22.18 -11.78 -9.89
N PRO B 226 -23.33 -11.37 -10.42
CA PRO B 226 -23.31 -10.30 -11.42
C PRO B 226 -23.11 -8.92 -10.76
N VAL B 227 -22.27 -8.07 -11.34
CA VAL B 227 -22.23 -6.68 -10.84
C VAL B 227 -22.68 -5.69 -11.90
N TYR B 228 -23.30 -4.63 -11.43
CA TYR B 228 -23.92 -3.75 -12.35
C TYR B 228 -23.28 -2.37 -12.34
N ASP B 229 -23.61 -1.54 -13.33
CA ASP B 229 -23.46 -0.09 -13.26
C ASP B 229 -22.02 0.40 -12.93
N LEU B 230 -21.95 1.23 -11.93
CA LEU B 230 -20.74 1.94 -11.64
C LEU B 230 -19.65 0.94 -11.18
N LEU B 231 -19.98 0.06 -10.23
CA LEU B 231 -19.02 -0.96 -9.75
C LEU B 231 -18.49 -1.79 -10.92
N LEU B 232 -19.38 -2.21 -11.82
CA LEU B 232 -18.98 -3.00 -13.00
C LEU B 232 -18.00 -2.19 -13.84
N GLU B 233 -18.40 -0.94 -14.08
CA GLU B 233 -17.58 0.02 -14.82
C GLU B 233 -16.20 0.16 -14.14
N MET B 234 -16.19 0.43 -12.82
CA MET B 234 -14.90 0.68 -12.14
C MET B 234 -14.05 -0.56 -12.23
N LEU B 235 -14.69 -1.72 -12.16
CA LEU B 235 -13.98 -2.98 -12.40
C LEU B 235 -13.67 -3.21 -13.89
N ARG C 4 6.42 -25.89 2.85
CA ARG C 4 5.69 -24.59 2.56
C ARG C 4 6.56 -23.30 2.56
N HIS C 5 7.18 -22.98 3.68
CA HIS C 5 8.29 -22.02 3.64
C HIS C 5 9.45 -22.90 3.89
N LYS C 6 9.37 -24.02 3.19
CA LYS C 6 10.41 -25.06 3.15
C LYS C 6 11.84 -24.52 3.15
N ILE C 7 12.17 -23.58 2.25
CA ILE C 7 13.56 -22.98 2.13
C ILE C 7 13.76 -21.68 2.95
N LEU C 8 12.70 -20.87 3.06
CA LEU C 8 12.76 -19.66 3.89
C LEU C 8 13.15 -20.09 5.34
N HIS C 9 12.40 -21.06 5.90
CA HIS C 9 12.70 -21.56 7.29
C HIS C 9 14.13 -21.89 7.33
N ARG C 10 14.58 -22.59 6.31
CA ARG C 10 15.94 -23.03 6.23
C ARG C 10 16.85 -21.84 6.39
N LEU C 11 16.80 -20.83 5.51
CA LEU C 11 17.71 -19.66 5.64
C LEU C 11 17.52 -18.74 6.86
N LEU C 12 16.36 -18.79 7.51
CA LEU C 12 16.17 -17.96 8.70
C LEU C 12 16.79 -18.59 9.92
N GLN C 13 16.77 -19.93 9.96
CA GLN C 13 17.24 -20.74 11.10
C GLN C 13 18.67 -21.22 10.87
N ARG D 4 -15.48 3.67 -21.76
CA ARG D 4 -14.52 3.14 -20.69
C ARG D 4 -14.79 3.66 -19.27
N HIS D 5 -14.98 4.97 -19.13
CA HIS D 5 -15.51 5.54 -17.89
C HIS D 5 -16.77 6.25 -18.27
N LYS D 6 -17.48 5.60 -19.18
CA LYS D 6 -18.82 6.01 -19.59
C LYS D 6 -19.65 6.74 -18.50
N ILE D 7 -20.05 6.05 -17.41
CA ILE D 7 -20.90 6.62 -16.31
C ILE D 7 -20.15 7.49 -15.29
N LEU D 8 -18.88 7.13 -15.06
CA LEU D 8 -18.03 7.93 -14.18
C LEU D 8 -17.91 9.34 -14.86
N HIS D 9 -17.44 9.39 -16.11
CA HIS D 9 -17.33 10.70 -16.79
C HIS D 9 -18.64 11.39 -16.66
N ARG D 10 -19.73 10.63 -16.62
CA ARG D 10 -21.03 11.28 -16.54
C ARG D 10 -21.22 11.94 -15.19
N LEU D 11 -21.30 11.14 -14.12
CA LEU D 11 -21.37 11.65 -12.74
C LEU D 11 -20.30 12.71 -12.34
N LEU D 12 -19.12 12.69 -12.94
CA LEU D 12 -18.19 13.80 -12.70
C LEU D 12 -18.65 15.12 -13.35
N GLN D 13 -19.07 15.03 -14.61
CA GLN D 13 -19.45 16.20 -15.43
C GLN D 13 -20.93 16.59 -15.24
#